data_5VAL
#
_entry.id   5VAL
#
_cell.length_a   94.121
_cell.length_b   94.121
_cell.length_c   163.537
_cell.angle_alpha   90.000
_cell.angle_beta   90.000
_cell.angle_gamma   90.000
#
_symmetry.space_group_name_H-M   'P 41 21 2'
#
loop_
_entity.id
_entity.type
_entity.pdbx_description
1 polymer 'Serine/threonine-protein kinase B-raf'
2 non-polymer N-(3-tert-butylphenyl)-4-methyl-3-[6-(morpholin-4-yl)pyrimidin-4-yl]benzamide
3 water water
#
_entity_poly.entity_id   1
_entity_poly.type   'polypeptide(L)'
_entity_poly.pdbx_seq_one_letter_code
;GSDSSDDWEIPDGQITVGQRIGSGSFGTVYKGKWHGDVAVKMLNVTAPTPQQLQAFKNEVGVLRKTRHVNILLFMGYSTK
PQLAIVTQWCEGSSLYHHLHIIETKFEMIKLIDIARQTAQGMDYLHAKSIIHRDLKSNNIFLHEDLTVKIGDFGLATVKS
RWSGSHQFEQLSGSILWMAPEVIRMQDKNPYSFQSDVYAFGIVLYELMTGQLPYSNINNRDQIIFMVGRGYLSPDLSKVR
SNCPKAMKRLMAECLKKKRDERPLFPQILASIELLARSLPK
;
_entity_poly.pdbx_strand_id   A,B
#
loop_
_chem_comp.id
_chem_comp.type
_chem_comp.name
_chem_comp.formula
92D non-polymer N-(3-tert-butylphenyl)-4-methyl-3-[6-(morpholin-4-yl)pyrimidin-4-yl]benzamide 'C26 H30 N4 O2'
#
# COMPACT_ATOMS: atom_id res chain seq x y z
N SER A 4 -6.56 -19.77 -4.54
CA SER A 4 -7.41 -19.11 -5.55
C SER A 4 -8.45 -18.17 -4.94
N SER A 5 -8.67 -18.29 -3.62
CA SER A 5 -9.60 -17.42 -2.89
C SER A 5 -8.83 -16.22 -2.29
N ASP A 6 -9.45 -15.04 -2.38
CA ASP A 6 -8.86 -13.80 -1.91
C ASP A 6 -9.33 -13.44 -0.51
N ASP A 7 -10.40 -14.15 -0.02
CA ASP A 7 -11.05 -13.93 1.26
C ASP A 7 -11.35 -12.43 1.47
N TRP A 8 -12.04 -11.83 0.50
CA TRP A 8 -12.41 -10.40 0.53
C TRP A 8 -13.51 -10.07 1.56
N GLU A 9 -14.37 -11.03 1.88
CA GLU A 9 -15.48 -10.81 2.80
C GLU A 9 -14.99 -10.80 4.22
N ILE A 10 -15.05 -9.62 4.85
CA ILE A 10 -14.61 -9.40 6.23
C ILE A 10 -15.53 -10.17 7.19
N PRO A 11 -14.98 -10.92 8.18
CA PRO A 11 -15.86 -11.61 9.15
C PRO A 11 -16.83 -10.64 9.86
N ASP A 12 -18.04 -11.12 10.13
CA ASP A 12 -19.11 -10.39 10.83
C ASP A 12 -18.70 -9.90 12.19
N GLY A 13 -19.20 -8.72 12.57
CA GLY A 13 -18.98 -8.10 13.87
C GLY A 13 -17.54 -7.71 14.16
N GLN A 14 -16.79 -7.22 13.16
CA GLN A 14 -15.39 -6.82 13.33
C GLN A 14 -15.18 -5.33 13.05
N ILE A 15 -15.84 -4.80 12.01
CA ILE A 15 -15.72 -3.38 11.66
C ILE A 15 -16.47 -2.48 12.64
N THR A 16 -15.84 -1.37 13.05
CA THR A 16 -16.46 -0.29 13.82
C THR A 16 -16.26 0.98 13.01
N VAL A 17 -17.20 1.91 13.13
CA VAL A 17 -17.12 3.21 12.47
C VAL A 17 -17.13 4.31 13.53
N GLY A 18 -16.38 5.38 13.28
CA GLY A 18 -16.31 6.52 14.17
C GLY A 18 -16.86 7.74 13.45
N GLN A 19 -16.02 8.75 13.28
CA GLN A 19 -16.34 10.02 12.64
C GLN A 19 -16.82 9.89 11.18
N ARG A 20 -17.96 10.53 10.88
CA ARG A 20 -18.49 10.64 9.50
C ARG A 20 -17.62 11.70 8.81
N ILE A 21 -17.01 11.34 7.67
CA ILE A 21 -16.11 12.26 6.95
C ILE A 21 -16.72 12.76 5.63
N GLY A 22 -17.74 12.07 5.15
CA GLY A 22 -18.40 12.42 3.91
C GLY A 22 -19.36 11.38 3.41
N SER A 23 -19.59 11.38 2.11
CA SER A 23 -20.49 10.48 1.40
C SER A 23 -19.86 10.10 0.09
N GLY A 24 -20.31 8.99 -0.47
CA GLY A 24 -19.82 8.49 -1.75
C GLY A 24 -20.72 7.41 -2.28
N SER A 25 -20.96 7.43 -3.61
CA SER A 25 -21.76 6.44 -4.33
C SER A 25 -23.06 6.11 -3.62
N PHE A 26 -23.16 4.89 -3.06
CA PHE A 26 -24.32 4.35 -2.38
C PHE A 26 -24.46 4.74 -0.90
N GLY A 27 -23.38 5.15 -0.24
CA GLY A 27 -23.48 5.48 1.18
C GLY A 27 -22.65 6.61 1.75
N THR A 28 -22.43 6.49 3.06
CA THR A 28 -21.70 7.44 3.89
C THR A 28 -20.31 6.91 4.15
N VAL A 29 -19.32 7.82 4.18
CA VAL A 29 -17.94 7.45 4.45
C VAL A 29 -17.59 7.83 5.88
N TYR A 30 -16.95 6.90 6.59
CA TYR A 30 -16.54 7.08 7.98
C TYR A 30 -15.08 6.75 8.14
N LYS A 31 -14.46 7.29 9.19
CA LYS A 31 -13.14 6.89 9.62
C LYS A 31 -13.51 5.75 10.59
N GLY A 32 -12.95 4.57 10.40
CA GLY A 32 -13.27 3.44 11.24
C GLY A 32 -12.09 2.61 11.69
N LYS A 33 -12.40 1.42 12.23
CA LYS A 33 -11.38 0.51 12.72
C LYS A 33 -11.65 -0.89 12.20
N TRP A 34 -10.58 -1.54 11.73
CA TRP A 34 -10.53 -2.94 11.27
C TRP A 34 -9.08 -3.22 11.00
N HIS A 35 -8.37 -3.77 12.02
CA HIS A 35 -6.93 -4.02 11.99
C HIS A 35 -6.20 -2.66 11.79
N GLY A 36 -6.62 -1.68 12.58
CA GLY A 36 -6.12 -0.32 12.58
C GLY A 36 -7.08 0.64 11.89
N ASP A 37 -6.61 1.83 11.59
CA ASP A 37 -7.42 2.85 10.93
C ASP A 37 -7.76 2.40 9.53
N VAL A 38 -9.04 2.60 9.16
CA VAL A 38 -9.56 2.29 7.83
C VAL A 38 -10.60 3.37 7.49
N ALA A 39 -10.95 3.47 6.19
CA ALA A 39 -12.07 4.28 5.75
C ALA A 39 -13.17 3.25 5.43
N VAL A 40 -14.39 3.53 5.81
CA VAL A 40 -15.49 2.60 5.59
C VAL A 40 -16.59 3.34 4.86
N LYS A 41 -17.02 2.82 3.69
CA LYS A 41 -18.15 3.35 2.94
C LYS A 41 -19.27 2.42 3.25
N MET A 42 -20.30 2.94 3.92
CA MET A 42 -21.40 2.12 4.42
C MET A 42 -22.79 2.66 4.11
N LEU A 43 -23.68 1.77 3.72
CA LEU A 43 -25.08 2.07 3.45
C LEU A 43 -25.80 2.11 4.79
N ASN A 44 -26.43 3.26 5.05
CA ASN A 44 -27.15 3.65 6.26
C ASN A 44 -28.36 2.80 6.63
N VAL A 45 -28.98 2.13 5.65
CA VAL A 45 -30.16 1.29 5.85
C VAL A 45 -29.77 -0.20 5.96
N THR A 46 -30.56 -1.00 6.69
CA THR A 46 -30.25 -2.43 6.83
C THR A 46 -30.93 -3.22 5.67
N ALA A 47 -32.03 -2.68 5.10
CA ALA A 47 -32.71 -3.28 3.94
C ALA A 47 -32.36 -2.50 2.65
N PRO A 48 -31.36 -2.94 1.85
CA PRO A 48 -31.00 -2.18 0.64
C PRO A 48 -31.90 -2.44 -0.57
N THR A 49 -32.09 -1.42 -1.43
CA THR A 49 -32.87 -1.55 -2.67
C THR A 49 -32.04 -2.37 -3.69
N PRO A 50 -32.66 -3.05 -4.69
CA PRO A 50 -31.86 -3.82 -5.67
C PRO A 50 -30.80 -2.99 -6.40
N GLN A 51 -31.05 -1.67 -6.59
CA GLN A 51 -30.09 -0.75 -7.22
C GLN A 51 -28.89 -0.52 -6.28
N GLN A 52 -29.14 -0.27 -4.98
CA GLN A 52 -28.09 -0.05 -3.98
C GLN A 52 -27.17 -1.26 -3.87
N LEU A 53 -27.75 -2.47 -3.87
CA LEU A 53 -27.04 -3.74 -3.83
C LEU A 53 -26.19 -3.92 -5.11
N GLN A 54 -26.73 -3.52 -6.27
CA GLN A 54 -26.04 -3.61 -7.55
C GLN A 54 -24.86 -2.65 -7.62
N ALA A 55 -25.04 -1.39 -7.14
CA ALA A 55 -23.98 -0.36 -7.09
C ALA A 55 -22.84 -0.80 -6.17
N PHE A 56 -23.16 -1.37 -5.00
CA PHE A 56 -22.23 -1.94 -4.05
C PHE A 56 -21.41 -3.08 -4.74
N LYS A 57 -22.10 -4.02 -5.42
CA LYS A 57 -21.48 -5.16 -6.12
C LYS A 57 -20.53 -4.73 -7.22
N ASN A 58 -20.92 -3.69 -7.99
CA ASN A 58 -20.10 -3.13 -9.07
C ASN A 58 -18.83 -2.48 -8.53
N GLU A 59 -18.95 -1.71 -7.43
CA GLU A 59 -17.81 -1.03 -6.84
C GLU A 59 -16.79 -2.03 -6.27
N VAL A 60 -17.26 -3.03 -5.52
CA VAL A 60 -16.44 -4.11 -4.97
C VAL A 60 -15.73 -4.83 -6.15
N GLY A 61 -16.48 -5.20 -7.19
CA GLY A 61 -15.99 -5.87 -8.39
C GLY A 61 -14.82 -5.19 -9.08
N VAL A 62 -14.85 -3.85 -9.16
CA VAL A 62 -13.74 -3.09 -9.75
C VAL A 62 -12.57 -2.97 -8.74
N LEU A 63 -12.88 -2.56 -7.50
CA LEU A 63 -11.88 -2.37 -6.45
C LEU A 63 -11.04 -3.61 -6.16
N ARG A 64 -11.71 -4.79 -6.13
CA ARG A 64 -11.07 -6.05 -5.79
C ARG A 64 -10.00 -6.51 -6.82
N LYS A 65 -10.01 -5.94 -8.04
CA LYS A 65 -9.07 -6.25 -9.10
C LYS A 65 -7.83 -5.37 -9.03
N THR A 66 -7.75 -4.45 -8.03
CA THR A 66 -6.63 -3.51 -7.94
C THR A 66 -5.69 -3.79 -6.78
N ARG A 67 -4.38 -3.88 -7.10
CA ARG A 67 -3.29 -4.06 -6.15
C ARG A 67 -2.10 -3.27 -6.70
N HIS A 68 -2.04 -1.97 -6.38
CA HIS A 68 -0.99 -1.07 -6.89
C HIS A 68 -0.83 0.10 -5.91
N VAL A 69 0.41 0.60 -5.70
CA VAL A 69 0.66 1.69 -4.75
C VAL A 69 -0.02 3.02 -5.11
N ASN A 70 -0.37 3.23 -6.38
CA ASN A 70 -1.01 4.48 -6.76
C ASN A 70 -2.52 4.36 -6.82
N ILE A 71 -3.07 3.23 -6.33
CA ILE A 71 -4.52 3.04 -6.24
C ILE A 71 -4.85 2.84 -4.77
N LEU A 72 -5.86 3.58 -4.28
CA LEU A 72 -6.35 3.45 -2.91
C LEU A 72 -6.55 1.96 -2.61
N LEU A 73 -6.01 1.48 -1.49
CA LEU A 73 -6.07 0.07 -1.18
C LEU A 73 -7.40 -0.40 -0.67
N PHE A 74 -8.06 -1.28 -1.45
CA PHE A 74 -9.30 -1.94 -1.07
C PHE A 74 -8.87 -3.07 -0.15
N MET A 75 -9.49 -3.14 1.03
CA MET A 75 -9.18 -4.16 2.05
C MET A 75 -10.22 -5.27 2.13
N GLY A 76 -11.49 -4.93 1.96
CA GLY A 76 -12.54 -5.93 2.04
C GLY A 76 -13.94 -5.34 2.06
N TYR A 77 -14.93 -6.22 2.16
CA TYR A 77 -16.33 -5.79 2.20
C TYR A 77 -17.09 -6.58 3.25
N SER A 78 -18.28 -6.08 3.59
CA SER A 78 -19.22 -6.73 4.50
C SER A 78 -20.63 -6.45 3.98
N THR A 79 -21.57 -7.35 4.24
CA THR A 79 -22.97 -7.12 3.88
C THR A 79 -23.82 -7.26 5.17
N LYS A 80 -23.15 -7.59 6.31
CA LYS A 80 -23.80 -7.85 7.60
C LYS A 80 -23.20 -7.02 8.74
N PRO A 81 -23.98 -6.13 9.41
CA PRO A 81 -25.42 -5.87 9.21
C PRO A 81 -25.74 -4.93 8.05
N GLN A 82 -24.73 -4.24 7.51
CA GLN A 82 -24.93 -3.29 6.42
C GLN A 82 -23.90 -3.44 5.35
N LEU A 83 -24.24 -3.02 4.12
CA LEU A 83 -23.33 -3.07 2.99
C LEU A 83 -22.20 -2.10 3.31
N ALA A 84 -20.95 -2.58 3.27
CA ALA A 84 -19.78 -1.78 3.61
C ALA A 84 -18.56 -2.13 2.79
N ILE A 85 -17.84 -1.11 2.35
CA ILE A 85 -16.59 -1.27 1.63
C ILE A 85 -15.50 -0.64 2.50
N VAL A 86 -14.42 -1.40 2.78
CA VAL A 86 -13.30 -0.99 3.62
C VAL A 86 -12.02 -0.77 2.80
N THR A 87 -11.40 0.38 2.98
CA THR A 87 -10.14 0.71 2.34
C THR A 87 -9.14 1.11 3.41
N GLN A 88 -7.87 1.30 3.03
CA GLN A 88 -6.84 1.80 3.94
C GLN A 88 -7.23 3.23 4.36
N TRP A 89 -6.68 3.72 5.47
CA TRP A 89 -6.89 5.09 5.93
C TRP A 89 -5.57 5.81 5.66
N CYS A 90 -5.66 6.95 4.99
CA CYS A 90 -4.49 7.77 4.67
C CYS A 90 -4.56 9.09 5.38
N GLU A 91 -3.46 9.47 6.01
CA GLU A 91 -3.31 10.82 6.54
C GLU A 91 -2.84 11.63 5.34
N GLY A 92 -3.31 12.86 5.23
CA GLY A 92 -2.98 13.77 4.14
C GLY A 92 -4.23 14.43 3.59
N SER A 93 -4.14 14.96 2.37
CA SER A 93 -5.26 15.65 1.71
C SER A 93 -5.27 15.37 0.22
N SER A 94 -6.40 15.66 -0.44
CA SER A 94 -6.53 15.52 -1.89
C SER A 94 -5.68 16.59 -2.57
N LEU A 95 -5.33 16.38 -3.83
CA LEU A 95 -4.58 17.34 -4.62
C LEU A 95 -5.37 18.64 -4.75
N TYR A 96 -6.72 18.54 -4.89
CA TYR A 96 -7.66 19.67 -4.97
C TYR A 96 -7.55 20.54 -3.71
N HIS A 97 -7.59 19.90 -2.52
CA HIS A 97 -7.48 20.59 -1.24
C HIS A 97 -6.14 21.34 -1.15
N HIS A 98 -5.04 20.71 -1.61
CA HIS A 98 -3.73 21.34 -1.58
C HIS A 98 -3.66 22.54 -2.49
N LEU A 99 -3.99 22.38 -3.78
CA LEU A 99 -3.89 23.45 -4.76
C LEU A 99 -4.90 24.57 -4.62
N HIS A 100 -6.16 24.25 -4.31
CA HIS A 100 -7.24 25.23 -4.33
C HIS A 100 -7.86 25.62 -2.98
N ILE A 101 -7.59 24.87 -1.89
CA ILE A 101 -8.16 25.23 -0.59
C ILE A 101 -7.10 25.85 0.30
N ILE A 102 -6.00 25.11 0.58
CA ILE A 102 -4.93 25.60 1.44
C ILE A 102 -3.79 26.24 0.62
N GLU A 103 -3.84 26.11 -0.72
CA GLU A 103 -2.89 26.70 -1.68
C GLU A 103 -1.41 26.37 -1.38
N THR A 104 -1.10 25.06 -1.27
CA THR A 104 0.24 24.52 -1.04
C THR A 104 1.12 24.86 -2.23
N LYS A 105 2.32 25.39 -1.95
CA LYS A 105 3.26 25.74 -3.01
C LYS A 105 4.27 24.60 -3.16
N PHE A 106 4.01 23.71 -4.13
CA PHE A 106 4.89 22.58 -4.41
C PHE A 106 6.00 23.04 -5.33
N GLU A 107 7.18 22.43 -5.20
CA GLU A 107 8.31 22.66 -6.09
C GLU A 107 7.98 21.95 -7.40
N MET A 108 8.54 22.40 -8.53
CA MET A 108 8.34 21.83 -9.87
C MET A 108 8.63 20.31 -9.89
N ILE A 109 9.69 19.87 -9.20
CA ILE A 109 10.09 18.47 -9.09
C ILE A 109 8.94 17.61 -8.51
N LYS A 110 8.27 18.12 -7.44
CA LYS A 110 7.15 17.45 -6.79
C LYS A 110 5.89 17.47 -7.65
N LEU A 111 5.64 18.58 -8.39
CA LEU A 111 4.48 18.70 -9.29
C LEU A 111 4.57 17.67 -10.42
N ILE A 112 5.79 17.46 -10.98
CA ILE A 112 6.04 16.48 -12.04
C ILE A 112 5.92 15.06 -11.47
N ASP A 113 6.42 14.85 -10.23
CA ASP A 113 6.33 13.56 -9.55
C ASP A 113 4.87 13.16 -9.31
N ILE A 114 4.01 14.12 -8.86
CA ILE A 114 2.56 13.91 -8.63
C ILE A 114 1.91 13.54 -9.96
N ALA A 115 2.32 14.18 -11.07
CA ALA A 115 1.82 13.92 -12.42
C ALA A 115 2.18 12.49 -12.86
N ARG A 116 3.43 12.08 -12.63
CA ARG A 116 4.01 10.76 -12.95
C ARG A 116 3.27 9.65 -12.21
N GLN A 117 3.04 9.82 -10.89
CA GLN A 117 2.35 8.85 -10.05
C GLN A 117 0.89 8.67 -10.44
N THR A 118 0.21 9.77 -10.83
CA THR A 118 -1.17 9.74 -11.29
C THR A 118 -1.23 8.95 -12.60
N ALA A 119 -0.32 9.25 -13.55
CA ALA A 119 -0.21 8.57 -14.85
C ALA A 119 0.11 7.09 -14.65
N GLN A 120 0.90 6.75 -13.62
CA GLN A 120 1.27 5.39 -13.24
C GLN A 120 0.03 4.58 -12.79
N GLY A 121 -0.79 5.19 -11.93
CA GLY A 121 -2.03 4.57 -11.45
C GLY A 121 -3.07 4.45 -12.54
N MET A 122 -3.19 5.48 -13.38
CA MET A 122 -4.11 5.49 -14.52
C MET A 122 -3.74 4.44 -15.57
N ASP A 123 -2.43 4.28 -15.82
CA ASP A 123 -1.92 3.27 -16.74
C ASP A 123 -2.27 1.86 -16.21
N TYR A 124 -2.16 1.66 -14.89
CA TYR A 124 -2.52 0.41 -14.23
C TYR A 124 -4.02 0.11 -14.42
N LEU A 125 -4.89 1.10 -14.16
CA LEU A 125 -6.35 0.95 -14.35
C LEU A 125 -6.72 0.60 -15.80
N HIS A 126 -6.17 1.34 -16.77
CA HIS A 126 -6.48 1.12 -18.19
C HIS A 126 -6.00 -0.24 -18.69
N ALA A 127 -4.90 -0.77 -18.10
CA ALA A 127 -4.36 -2.09 -18.45
C ALA A 127 -5.32 -3.21 -18.01
N LYS A 128 -6.10 -2.96 -16.93
CA LYS A 128 -7.12 -3.87 -16.42
C LYS A 128 -8.51 -3.51 -17.03
N SER A 129 -8.53 -2.63 -18.05
CA SER A 129 -9.72 -2.13 -18.76
C SER A 129 -10.70 -1.38 -17.83
N ILE A 130 -10.16 -0.71 -16.81
CA ILE A 130 -10.94 0.10 -15.89
C ILE A 130 -10.85 1.56 -16.33
N ILE A 131 -11.99 2.16 -16.67
CA ILE A 131 -12.15 3.56 -17.04
C ILE A 131 -12.62 4.21 -15.74
N HIS A 132 -11.90 5.24 -15.29
CA HIS A 132 -12.23 5.94 -14.05
C HIS A 132 -13.58 6.65 -14.18
N ARG A 133 -13.77 7.47 -15.25
CA ARG A 133 -14.98 8.23 -15.55
C ARG A 133 -15.12 9.52 -14.74
N ASP A 134 -14.28 9.71 -13.71
CA ASP A 134 -14.36 10.93 -12.90
C ASP A 134 -12.99 11.34 -12.35
N LEU A 135 -11.93 11.21 -13.17
CA LEU A 135 -10.60 11.65 -12.73
C LEU A 135 -10.59 13.19 -12.60
N LYS A 136 -10.06 13.69 -11.49
CA LYS A 136 -9.97 15.11 -11.13
C LYS A 136 -9.05 15.18 -9.92
N SER A 137 -8.56 16.38 -9.57
CA SER A 137 -7.62 16.57 -8.44
C SER A 137 -8.19 16.13 -7.08
N ASN A 138 -9.53 16.16 -6.93
CA ASN A 138 -10.27 15.73 -5.74
C ASN A 138 -10.12 14.20 -5.53
N ASN A 139 -9.94 13.45 -6.63
CA ASN A 139 -9.81 12.01 -6.62
C ASN A 139 -8.38 11.54 -6.61
N ILE A 140 -7.45 12.48 -6.42
CA ILE A 140 -6.02 12.20 -6.32
C ILE A 140 -5.63 12.54 -4.89
N PHE A 141 -5.52 11.51 -4.06
CA PHE A 141 -5.18 11.69 -2.66
C PHE A 141 -3.67 11.71 -2.44
N LEU A 142 -3.19 12.69 -1.66
CA LEU A 142 -1.75 12.78 -1.36
C LEU A 142 -1.48 12.20 0.02
N HIS A 143 -1.18 10.89 0.06
CA HIS A 143 -0.90 10.10 1.26
C HIS A 143 0.41 10.59 1.85
N GLU A 144 0.35 11.13 3.09
CA GLU A 144 1.45 11.77 3.83
C GLU A 144 1.96 12.97 3.01
N ASP A 145 1.07 13.48 2.11
CA ASP A 145 1.25 14.58 1.17
C ASP A 145 2.39 14.31 0.17
N LEU A 146 2.66 13.01 -0.12
CA LEU A 146 3.75 12.54 -0.99
C LEU A 146 3.34 11.52 -2.05
N THR A 147 2.74 10.38 -1.62
CA THR A 147 2.32 9.27 -2.47
C THR A 147 0.93 9.51 -2.98
N VAL A 148 0.73 9.35 -4.28
CA VAL A 148 -0.56 9.50 -4.93
C VAL A 148 -1.37 8.23 -4.74
N LYS A 149 -2.63 8.39 -4.31
CA LYS A 149 -3.60 7.29 -4.21
C LYS A 149 -4.81 7.74 -5.03
N ILE A 150 -5.06 7.07 -6.15
CA ILE A 150 -6.24 7.38 -6.96
C ILE A 150 -7.40 6.57 -6.37
N GLY A 151 -8.53 7.24 -6.26
CA GLY A 151 -9.79 6.65 -5.82
C GLY A 151 -10.94 7.36 -6.49
N ASP A 152 -12.17 7.02 -6.11
CA ASP A 152 -13.37 7.72 -6.54
C ASP A 152 -14.03 8.02 -5.20
N PHE A 153 -13.64 9.20 -4.63
CA PHE A 153 -13.97 9.68 -3.29
C PHE A 153 -15.33 10.36 -3.10
N GLY A 154 -16.14 10.47 -4.16
CA GLY A 154 -17.45 11.10 -4.10
C GLY A 154 -18.07 11.33 -5.46
N SER A 174 -18.16 18.13 -11.60
CA SER A 174 -16.89 17.80 -12.23
C SER A 174 -16.85 18.09 -13.77
N ILE A 175 -17.57 19.17 -14.23
CA ILE A 175 -17.57 19.58 -15.65
C ILE A 175 -16.20 20.08 -16.13
N LEU A 176 -15.37 20.63 -15.23
CA LEU A 176 -14.07 21.19 -15.60
C LEU A 176 -13.10 20.15 -16.20
N TRP A 177 -13.27 18.89 -15.81
CA TRP A 177 -12.43 17.77 -16.24
C TRP A 177 -13.07 16.95 -17.38
N MET A 178 -14.27 17.35 -17.83
CA MET A 178 -15.05 16.66 -18.86
C MET A 178 -14.59 16.93 -20.29
N ALA A 179 -14.20 15.86 -21.01
CA ALA A 179 -13.82 15.95 -22.42
C ALA A 179 -14.99 16.48 -23.24
N PRO A 180 -14.77 17.25 -24.33
CA PRO A 180 -15.92 17.76 -25.14
C PRO A 180 -16.98 16.71 -25.50
N GLU A 181 -16.56 15.48 -25.88
CA GLU A 181 -17.52 14.41 -26.25
C GLU A 181 -18.32 13.88 -25.06
N VAL A 182 -17.79 14.00 -23.83
CA VAL A 182 -18.49 13.61 -22.60
C VAL A 182 -19.60 14.66 -22.33
N ILE A 183 -19.30 15.95 -22.61
CA ILE A 183 -20.28 17.05 -22.52
C ILE A 183 -21.43 16.86 -23.52
N ARG A 184 -21.11 16.63 -24.81
CA ARG A 184 -22.07 16.47 -25.90
C ARG A 184 -23.02 15.25 -25.78
N MET A 185 -22.51 14.09 -25.28
CA MET A 185 -23.26 12.83 -25.11
C MET A 185 -23.92 12.34 -26.41
N LYS A 188 -24.22 7.83 -26.52
CA LYS A 188 -24.66 6.86 -25.51
C LYS A 188 -23.51 6.48 -24.57
N ASN A 189 -22.33 6.08 -25.13
CA ASN A 189 -21.15 5.78 -24.32
C ASN A 189 -19.95 6.68 -24.73
N PRO A 190 -19.94 7.89 -24.14
CA PRO A 190 -18.87 8.86 -24.41
C PRO A 190 -17.59 8.62 -23.59
N TYR A 191 -17.63 7.67 -22.64
CA TYR A 191 -16.49 7.37 -21.78
C TYR A 191 -15.57 6.38 -22.44
N SER A 192 -14.28 6.70 -22.41
CA SER A 192 -13.19 5.87 -22.99
C SER A 192 -11.91 6.14 -22.23
N PHE A 193 -10.81 5.45 -22.61
CA PHE A 193 -9.49 5.68 -22.01
C PHE A 193 -9.08 7.13 -22.31
N GLN A 194 -9.42 7.64 -23.53
CA GLN A 194 -9.14 8.99 -24.01
C GLN A 194 -9.89 10.09 -23.24
N SER A 195 -11.12 9.80 -22.74
CA SER A 195 -11.83 10.83 -21.95
C SER A 195 -11.16 10.94 -20.57
N ASP A 196 -10.57 9.83 -20.05
CA ASP A 196 -9.76 9.82 -18.82
C ASP A 196 -8.45 10.61 -19.03
N VAL A 197 -7.85 10.48 -20.22
CA VAL A 197 -6.64 11.21 -20.64
C VAL A 197 -6.90 12.72 -20.62
N TYR A 198 -8.07 13.16 -21.18
CA TYR A 198 -8.46 14.56 -21.19
C TYR A 198 -8.54 15.10 -19.75
N ALA A 199 -9.17 14.34 -18.83
CA ALA A 199 -9.30 14.71 -17.41
C ALA A 199 -7.92 14.85 -16.74
N PHE A 200 -6.98 13.97 -17.13
CA PHE A 200 -5.60 14.00 -16.67
C PHE A 200 -4.91 15.27 -17.20
N GLY A 201 -5.24 15.66 -18.44
CA GLY A 201 -4.75 16.90 -19.06
C GLY A 201 -5.14 18.11 -18.23
N ILE A 202 -6.36 18.12 -17.70
CA ILE A 202 -6.86 19.19 -16.80
C ILE A 202 -6.10 19.16 -15.46
N VAL A 203 -5.82 17.97 -14.92
CA VAL A 203 -5.04 17.80 -13.69
C VAL A 203 -3.64 18.40 -13.94
N LEU A 204 -3.03 18.12 -15.11
CA LEU A 204 -1.73 18.67 -15.48
C LEU A 204 -1.79 20.21 -15.46
N TYR A 205 -2.90 20.78 -15.98
CA TYR A 205 -3.16 22.22 -16.00
C TYR A 205 -3.21 22.76 -14.56
N GLU A 206 -3.90 22.05 -13.66
CA GLU A 206 -4.00 22.43 -12.24
C GLU A 206 -2.64 22.46 -11.56
N LEU A 207 -1.81 21.43 -11.83
CA LEU A 207 -0.47 21.35 -11.25
C LEU A 207 0.43 22.46 -11.78
N MET A 208 0.37 22.73 -13.09
CA MET A 208 1.26 23.69 -13.75
C MET A 208 0.82 25.16 -13.64
N THR A 209 -0.46 25.44 -13.29
CA THR A 209 -0.93 26.82 -13.13
C THR A 209 -1.26 27.11 -11.65
N GLY A 210 -1.59 26.06 -10.89
CA GLY A 210 -2.04 26.15 -9.51
C GLY A 210 -3.51 26.60 -9.48
N GLN A 211 -4.18 26.54 -10.64
CA GLN A 211 -5.55 27.03 -10.78
C GLN A 211 -6.46 26.04 -11.48
N LEU A 212 -7.77 26.25 -11.31
CA LEU A 212 -8.84 25.52 -12.01
C LEU A 212 -9.02 26.22 -13.36
N PRO A 213 -9.34 25.50 -14.46
CA PRO A 213 -9.55 26.22 -15.73
C PRO A 213 -10.81 27.10 -15.69
N TYR A 214 -10.84 28.12 -16.58
CA TYR A 214 -11.99 29.02 -16.82
C TYR A 214 -12.42 29.82 -15.61
N SER A 215 -11.48 30.21 -14.77
CA SER A 215 -11.76 30.99 -13.55
C SER A 215 -12.32 32.44 -13.83
N ASN A 216 -12.21 32.91 -15.08
CA ASN A 216 -12.73 34.23 -15.50
C ASN A 216 -14.14 34.14 -16.13
N ILE A 217 -14.75 32.94 -16.10
CA ILE A 217 -16.12 32.69 -16.59
C ILE A 217 -16.93 32.28 -15.37
N ASN A 218 -18.00 33.02 -15.07
CA ASN A 218 -18.81 32.73 -13.87
C ASN A 218 -20.10 31.94 -14.18
N ASN A 219 -20.30 31.52 -15.44
CA ASN A 219 -21.51 30.85 -15.90
C ASN A 219 -21.22 29.44 -16.35
N ARG A 220 -21.71 28.47 -15.57
CA ARG A 220 -21.56 27.03 -15.78
C ARG A 220 -22.13 26.56 -17.15
N ASP A 221 -23.35 27.04 -17.54
CA ASP A 221 -23.99 26.71 -18.83
C ASP A 221 -23.06 27.09 -20.00
N GLN A 222 -22.50 28.29 -19.91
CA GLN A 222 -21.59 28.81 -20.92
C GLN A 222 -20.36 27.95 -21.08
N ILE A 223 -19.76 27.52 -19.95
CA ILE A 223 -18.59 26.64 -19.94
C ILE A 223 -18.94 25.32 -20.62
N ILE A 224 -20.05 24.66 -20.19
CA ILE A 224 -20.53 23.39 -20.72
C ILE A 224 -20.74 23.51 -22.24
N PHE A 225 -21.52 24.51 -22.67
CA PHE A 225 -21.79 24.76 -24.09
C PHE A 225 -20.52 24.96 -24.93
N MET A 226 -19.63 25.87 -24.49
CA MET A 226 -18.43 26.23 -25.22
C MET A 226 -17.40 25.14 -25.30
N VAL A 227 -17.20 24.37 -24.21
CA VAL A 227 -16.24 23.26 -24.20
C VAL A 227 -16.74 22.17 -25.17
N GLY A 228 -18.03 21.83 -25.04
CA GLY A 228 -18.68 20.85 -25.90
C GLY A 228 -18.61 21.19 -27.39
N ARG A 229 -18.69 22.50 -27.72
CA ARG A 229 -18.61 23.01 -29.08
C ARG A 229 -17.17 23.23 -29.57
N GLY A 230 -16.20 23.18 -28.67
CA GLY A 230 -14.79 23.42 -28.97
C GLY A 230 -14.45 24.89 -29.10
N TYR A 231 -15.34 25.79 -28.59
CA TYR A 231 -15.14 27.25 -28.64
C TYR A 231 -14.20 27.68 -27.53
N LEU A 232 -14.18 26.88 -26.46
CA LEU A 232 -13.40 27.14 -25.25
C LEU A 232 -12.52 25.97 -24.92
N SER A 233 -11.27 26.28 -24.56
CA SER A 233 -10.27 25.29 -24.14
C SER A 233 -9.38 25.93 -23.05
N PRO A 234 -8.65 25.15 -22.22
CA PRO A 234 -7.81 25.78 -21.17
C PRO A 234 -6.76 26.71 -21.75
N ASP A 235 -6.53 27.83 -21.05
CA ASP A 235 -5.54 28.84 -21.42
C ASP A 235 -4.17 28.35 -20.99
N LEU A 236 -3.43 27.74 -21.92
CA LEU A 236 -2.12 27.15 -21.64
C LEU A 236 -1.01 28.20 -21.44
N SER A 237 -1.26 29.49 -21.78
CA SER A 237 -0.27 30.55 -21.54
C SER A 237 -0.13 30.85 -20.03
N LYS A 238 -1.08 30.36 -19.21
CA LYS A 238 -1.11 30.50 -17.75
C LYS A 238 -0.13 29.56 -16.99
N VAL A 239 0.54 28.64 -17.70
CA VAL A 239 1.48 27.72 -17.05
C VAL A 239 2.72 28.48 -16.50
N ARG A 240 3.20 28.08 -15.31
CA ARG A 240 4.38 28.63 -14.61
C ARG A 240 5.60 28.76 -15.55
N SER A 241 6.50 29.73 -15.26
CA SER A 241 7.73 29.97 -16.02
C SER A 241 8.65 28.74 -16.01
N ASN A 242 8.76 28.06 -14.85
CA ASN A 242 9.60 26.88 -14.66
C ASN A 242 8.97 25.55 -15.17
N CYS A 243 7.78 25.61 -15.82
CA CYS A 243 7.14 24.41 -16.38
C CYS A 243 7.91 24.01 -17.65
N PRO A 244 8.50 22.77 -17.70
CA PRO A 244 9.25 22.36 -18.90
C PRO A 244 8.39 22.39 -20.16
N LYS A 245 8.99 22.80 -21.31
CA LYS A 245 8.29 22.90 -22.59
C LYS A 245 7.66 21.57 -23.02
N ALA A 246 8.31 20.44 -22.68
CA ALA A 246 7.84 19.09 -22.96
C ALA A 246 6.54 18.77 -22.19
N MET A 247 6.37 19.36 -20.99
CA MET A 247 5.17 19.19 -20.16
C MET A 247 4.01 19.98 -20.77
N LYS A 248 4.30 21.20 -21.25
CA LYS A 248 3.32 22.05 -21.91
C LYS A 248 2.77 21.36 -23.18
N ARG A 249 3.66 20.72 -23.98
CA ARG A 249 3.30 19.98 -25.20
C ARG A 249 2.44 18.74 -24.84
N LEU A 250 2.82 18.00 -23.77
CA LEU A 250 2.08 16.81 -23.30
C LEU A 250 0.65 17.18 -22.90
N MET A 251 0.53 18.24 -22.09
CA MET A 251 -0.72 18.82 -21.63
C MET A 251 -1.64 19.15 -22.83
N ALA A 252 -1.08 19.78 -23.89
CA ALA A 252 -1.81 20.15 -25.12
C ALA A 252 -2.31 18.90 -25.87
N GLU A 253 -1.48 17.83 -25.89
CA GLU A 253 -1.81 16.54 -26.52
C GLU A 253 -2.93 15.82 -25.77
N CYS A 254 -2.86 15.83 -24.41
CA CYS A 254 -3.89 15.26 -23.54
C CYS A 254 -5.22 15.99 -23.67
N LEU A 255 -5.17 17.31 -23.94
CA LEU A 255 -6.36 18.15 -24.05
C LEU A 255 -6.95 18.27 -25.46
N LYS A 256 -6.43 17.52 -26.46
CA LYS A 256 -6.98 17.60 -27.85
C LYS A 256 -8.49 17.40 -27.85
N LYS A 257 -9.22 18.23 -28.60
CA LYS A 257 -10.68 18.20 -28.71
C LYS A 257 -11.18 16.89 -29.33
N LYS A 258 -10.45 16.35 -30.31
CA LYS A 258 -10.78 15.08 -30.96
C LYS A 258 -10.13 14.00 -30.11
N ARG A 259 -10.93 13.07 -29.55
CA ARG A 259 -10.43 12.02 -28.65
C ARG A 259 -9.36 11.12 -29.28
N ASP A 260 -9.47 10.80 -30.58
CA ASP A 260 -8.51 9.91 -31.26
C ASP A 260 -7.11 10.51 -31.40
N GLU A 261 -6.97 11.82 -31.21
CA GLU A 261 -5.69 12.54 -31.29
C GLU A 261 -4.91 12.54 -29.95
N ARG A 262 -5.58 12.18 -28.85
CA ARG A 262 -4.97 12.15 -27.51
C ARG A 262 -4.07 10.93 -27.29
N PRO A 263 -2.89 11.07 -26.60
CA PRO A 263 -2.05 9.89 -26.34
C PRO A 263 -2.69 9.01 -25.27
N LEU A 264 -2.22 7.77 -25.14
CA LEU A 264 -2.69 6.89 -24.08
C LEU A 264 -1.65 6.91 -22.95
N PHE A 265 -2.01 6.39 -21.76
CA PHE A 265 -1.16 6.43 -20.56
C PHE A 265 0.24 5.78 -20.73
N PRO A 266 0.49 4.71 -21.53
CA PRO A 266 1.91 4.25 -21.70
C PRO A 266 2.82 5.33 -22.32
N GLN A 267 2.27 6.11 -23.27
CA GLN A 267 3.00 7.20 -23.94
C GLN A 267 3.13 8.42 -23.01
N ILE A 268 2.05 8.78 -22.28
CA ILE A 268 2.03 9.88 -21.31
C ILE A 268 3.11 9.62 -20.24
N LEU A 269 3.05 8.42 -19.64
CA LEU A 269 3.99 7.96 -18.62
C LEU A 269 5.43 8.02 -19.13
N ALA A 270 5.69 7.56 -20.37
CA ALA A 270 7.03 7.62 -20.99
C ALA A 270 7.53 9.08 -21.19
N SER A 271 6.60 10.01 -21.55
CA SER A 271 6.93 11.44 -21.73
C SER A 271 7.26 12.10 -20.40
N ILE A 272 6.49 11.83 -19.33
CA ILE A 272 6.73 12.40 -17.99
C ILE A 272 8.07 11.91 -17.43
N GLU A 273 8.38 10.62 -17.63
CA GLU A 273 9.62 10.00 -17.15
C GLU A 273 10.84 10.64 -17.84
N LEU A 274 10.72 10.93 -19.15
CA LEU A 274 11.75 11.60 -19.95
C LEU A 274 12.02 13.04 -19.46
N LEU A 275 10.95 13.88 -19.32
CA LEU A 275 11.12 15.26 -18.87
C LEU A 275 11.57 15.38 -17.39
N ALA A 276 11.26 14.35 -16.56
CA ALA A 276 11.66 14.34 -15.16
C ALA A 276 13.18 14.18 -15.01
N ARG A 277 13.81 13.42 -15.94
CA ARG A 277 15.26 13.16 -15.99
C ARG A 277 16.09 14.41 -16.33
N SER A 278 15.43 15.50 -16.76
CA SER A 278 16.06 16.76 -17.12
C SER A 278 15.79 17.83 -16.04
N ASP B 6 -8.26 -15.75 -13.38
CA ASP B 6 -7.60 -15.20 -12.19
C ASP B 6 -7.11 -13.77 -12.39
N ASP B 7 -7.58 -12.85 -11.51
CA ASP B 7 -7.23 -11.42 -11.46
C ASP B 7 -5.73 -11.19 -11.30
N TRP B 8 -5.04 -12.03 -10.49
CA TRP B 8 -3.63 -11.80 -10.18
C TRP B 8 -2.67 -12.40 -11.14
N GLU B 9 -3.15 -13.11 -12.16
CA GLU B 9 -2.22 -13.63 -13.16
C GLU B 9 -1.87 -12.50 -14.13
N ILE B 10 -0.63 -12.03 -14.04
CA ILE B 10 -0.11 -10.94 -14.87
C ILE B 10 -0.06 -11.38 -16.34
N PRO B 11 -0.54 -10.54 -17.30
CA PRO B 11 -0.46 -10.94 -18.72
C PRO B 11 0.97 -11.25 -19.14
N ASP B 12 1.12 -12.26 -20.02
CA ASP B 12 2.40 -12.74 -20.55
C ASP B 12 3.20 -11.66 -21.24
N GLY B 13 4.53 -11.72 -21.08
CA GLY B 13 5.49 -10.81 -21.69
C GLY B 13 5.38 -9.35 -21.28
N GLN B 14 5.09 -9.10 -19.99
CA GLN B 14 4.97 -7.73 -19.45
C GLN B 14 6.04 -7.41 -18.41
N ILE B 15 6.36 -8.37 -17.54
CA ILE B 15 7.36 -8.18 -16.50
C ILE B 15 8.80 -8.17 -17.09
N THR B 16 9.62 -7.21 -16.64
CA THR B 16 11.05 -7.17 -16.95
C THR B 16 11.76 -7.16 -15.60
N VAL B 17 12.95 -7.73 -15.57
CA VAL B 17 13.79 -7.74 -14.37
C VAL B 17 15.11 -7.05 -14.68
N GLY B 18 15.63 -6.33 -13.70
CA GLY B 18 16.89 -5.63 -13.80
C GLY B 18 17.89 -6.25 -12.85
N GLN B 19 18.37 -5.44 -11.91
CA GLN B 19 19.35 -5.80 -10.90
C GLN B 19 18.91 -6.97 -9.99
N ARG B 20 19.77 -8.00 -9.86
CA ARG B 20 19.59 -9.11 -8.92
C ARG B 20 19.91 -8.55 -7.54
N ILE B 21 18.97 -8.65 -6.59
CA ILE B 21 19.15 -8.07 -5.25
C ILE B 21 19.37 -9.16 -4.18
N GLY B 22 18.99 -10.39 -4.50
CA GLY B 22 19.13 -11.51 -3.59
C GLY B 22 18.42 -12.76 -4.04
N SER B 23 18.04 -13.59 -3.07
CA SER B 23 17.32 -14.86 -3.26
C SER B 23 16.24 -14.97 -2.18
N GLY B 24 15.16 -15.68 -2.51
CA GLY B 24 14.02 -15.84 -1.60
C GLY B 24 13.89 -17.24 -1.04
N SER B 25 12.62 -17.71 -0.99
CA SER B 25 12.19 -19.03 -0.53
C SER B 25 12.66 -20.03 -1.59
N PHE B 26 12.21 -19.77 -2.83
CA PHE B 26 12.55 -20.42 -4.07
C PHE B 26 13.15 -19.29 -4.92
N GLY B 27 14.02 -19.65 -5.83
CA GLY B 27 14.61 -18.70 -6.78
C GLY B 27 15.33 -17.45 -6.32
N THR B 28 15.32 -16.44 -7.21
CA THR B 28 16.08 -15.20 -7.16
C THR B 28 15.20 -13.97 -7.12
N VAL B 29 15.61 -12.96 -6.37
CA VAL B 29 14.87 -11.70 -6.27
C VAL B 29 15.56 -10.63 -7.09
N TYR B 30 14.78 -9.89 -7.88
CA TYR B 30 15.26 -8.81 -8.74
C TYR B 30 14.47 -7.54 -8.50
N LYS B 31 15.10 -6.40 -8.83
CA LYS B 31 14.39 -5.12 -8.88
C LYS B 31 13.90 -5.14 -10.35
N GLY B 32 12.60 -4.99 -10.57
CA GLY B 32 12.05 -5.05 -11.92
C GLY B 32 11.07 -3.96 -12.27
N LYS B 33 10.37 -4.15 -13.39
CA LYS B 33 9.38 -3.22 -13.88
C LYS B 33 8.11 -3.94 -14.27
N TRP B 34 6.97 -3.38 -13.85
CA TRP B 34 5.61 -3.82 -14.16
C TRP B 34 4.70 -2.78 -13.57
N HIS B 35 4.31 -1.77 -14.39
CA HIS B 35 3.52 -0.62 -13.96
C HIS B 35 4.32 0.13 -12.85
N GLY B 36 5.61 0.36 -13.15
CA GLY B 36 6.56 1.03 -12.26
C GLY B 36 7.50 0.04 -11.61
N ASP B 37 8.24 0.51 -10.60
CA ASP B 37 9.18 -0.33 -9.87
C ASP B 37 8.45 -1.40 -9.11
N VAL B 38 8.97 -2.63 -9.17
CA VAL B 38 8.44 -3.79 -8.46
C VAL B 38 9.63 -4.65 -8.03
N ALA B 39 9.39 -5.58 -7.09
CA ALA B 39 10.35 -6.60 -6.73
C ALA B 39 9.78 -7.87 -7.38
N VAL B 40 10.63 -8.67 -7.99
CA VAL B 40 10.18 -9.88 -8.67
C VAL B 40 10.98 -11.07 -8.11
N LYS B 41 10.28 -12.09 -7.59
CA LYS B 41 10.94 -13.31 -7.14
C LYS B 41 10.69 -14.33 -8.26
N MET B 42 11.77 -14.81 -8.87
CA MET B 42 11.70 -15.69 -10.02
C MET B 42 12.45 -17.01 -9.85
N LEU B 43 11.89 -18.08 -10.43
CA LEU B 43 12.49 -19.42 -10.45
C LEU B 43 13.15 -19.59 -11.84
N ASN B 44 14.48 -19.42 -11.89
CA ASN B 44 15.26 -19.45 -13.13
C ASN B 44 15.60 -20.87 -13.62
N VAL B 45 14.56 -21.60 -14.10
CA VAL B 45 14.60 -22.94 -14.71
C VAL B 45 13.50 -23.01 -15.81
N THR B 46 13.67 -23.92 -16.78
CA THR B 46 12.70 -24.09 -17.87
C THR B 46 11.50 -24.93 -17.39
N ALA B 47 11.75 -26.02 -16.62
CA ALA B 47 10.72 -26.90 -16.09
C ALA B 47 10.86 -27.06 -14.55
N PRO B 48 9.94 -26.44 -13.77
CA PRO B 48 10.03 -26.55 -12.30
C PRO B 48 9.68 -27.94 -11.78
N THR B 49 10.31 -28.35 -10.66
CA THR B 49 10.03 -29.64 -10.00
C THR B 49 8.64 -29.56 -9.33
N PRO B 50 7.92 -30.70 -9.10
CA PRO B 50 6.60 -30.61 -8.47
C PRO B 50 6.61 -29.90 -7.10
N GLN B 51 7.76 -29.92 -6.40
CA GLN B 51 7.98 -29.29 -5.09
C GLN B 51 8.09 -27.76 -5.25
N GLN B 52 8.81 -27.31 -6.29
CA GLN B 52 8.98 -25.89 -6.59
C GLN B 52 7.65 -25.25 -6.98
N LEU B 53 6.85 -25.98 -7.79
CA LEU B 53 5.53 -25.56 -8.24
C LEU B 53 4.57 -25.49 -7.05
N GLN B 54 4.66 -26.46 -6.12
CA GLN B 54 3.83 -26.48 -4.92
C GLN B 54 4.16 -25.33 -3.97
N ALA B 55 5.47 -25.06 -3.75
CA ALA B 55 5.96 -23.96 -2.89
C ALA B 55 5.49 -22.61 -3.47
N PHE B 56 5.52 -22.46 -4.81
CA PHE B 56 5.06 -21.28 -5.53
C PHE B 56 3.56 -21.10 -5.31
N LYS B 57 2.79 -22.17 -5.49
CA LYS B 57 1.34 -22.14 -5.33
C LYS B 57 0.93 -21.77 -3.92
N ASN B 58 1.64 -22.30 -2.90
CA ASN B 58 1.40 -21.99 -1.49
C ASN B 58 1.68 -20.53 -1.17
N GLU B 59 2.80 -19.99 -1.67
CA GLU B 59 3.17 -18.59 -1.44
C GLU B 59 2.15 -17.63 -2.08
N VAL B 60 1.74 -17.88 -3.36
CA VAL B 60 0.71 -17.07 -4.04
C VAL B 60 -0.63 -17.14 -3.25
N GLY B 61 -1.02 -18.35 -2.83
CA GLY B 61 -2.22 -18.62 -2.03
C GLY B 61 -2.32 -17.79 -0.77
N VAL B 62 -1.21 -17.65 -0.03
CA VAL B 62 -1.16 -16.88 1.19
C VAL B 62 -1.10 -15.37 0.88
N LEU B 63 -0.20 -14.94 -0.03
CA LEU B 63 -0.03 -13.54 -0.42
C LEU B 63 -1.31 -12.89 -0.95
N ARG B 64 -2.09 -13.59 -1.79
CA ARG B 64 -3.33 -13.09 -2.41
C ARG B 64 -4.46 -12.78 -1.42
N LYS B 65 -4.34 -13.30 -0.18
CA LYS B 65 -5.32 -13.09 0.88
C LYS B 65 -4.96 -11.88 1.73
N THR B 66 -3.85 -11.18 1.41
CA THR B 66 -3.39 -10.04 2.21
C THR B 66 -3.58 -8.70 1.50
N ARG B 67 -4.26 -7.78 2.18
CA ARG B 67 -4.52 -6.40 1.70
C ARG B 67 -4.49 -5.53 2.97
N HIS B 68 -3.29 -5.10 3.36
CA HIS B 68 -3.10 -4.30 4.59
C HIS B 68 -1.83 -3.46 4.43
N VAL B 69 -1.82 -2.23 4.96
CA VAL B 69 -0.66 -1.34 4.85
C VAL B 69 0.59 -1.86 5.55
N ASN B 70 0.47 -2.74 6.54
CA ASN B 70 1.65 -3.24 7.22
C ASN B 70 2.12 -4.57 6.68
N ILE B 71 1.54 -5.01 5.54
CA ILE B 71 1.98 -6.23 4.83
C ILE B 71 2.47 -5.80 3.45
N LEU B 72 3.65 -6.27 3.07
CA LEU B 72 4.23 -6.04 1.74
C LEU B 72 3.14 -6.34 0.70
N LEU B 73 2.97 -5.42 -0.26
CA LEU B 73 1.91 -5.57 -1.23
C LEU B 73 2.23 -6.55 -2.34
N PHE B 74 1.46 -7.64 -2.40
CA PHE B 74 1.50 -8.62 -3.47
C PHE B 74 0.75 -7.99 -4.61
N MET B 75 1.35 -8.00 -5.80
CA MET B 75 0.73 -7.43 -7.00
C MET B 75 0.24 -8.47 -8.00
N GLY B 76 0.99 -9.56 -8.14
CA GLY B 76 0.54 -10.61 -9.05
C GLY B 76 1.55 -11.71 -9.24
N TYR B 77 1.21 -12.63 -10.13
CA TYR B 77 2.10 -13.75 -10.41
C TYR B 77 2.10 -14.04 -11.91
N SER B 78 3.09 -14.82 -12.34
CA SER B 78 3.23 -15.29 -13.70
C SER B 78 3.79 -16.71 -13.62
N THR B 79 3.44 -17.55 -14.59
CA THR B 79 4.03 -18.89 -14.67
C THR B 79 4.69 -19.04 -16.05
N LYS B 80 4.58 -17.98 -16.89
CA LYS B 80 5.09 -17.96 -18.28
C LYS B 80 6.00 -16.75 -18.56
N PRO B 81 7.29 -16.95 -18.89
CA PRO B 81 7.98 -18.24 -19.08
C PRO B 81 8.49 -18.89 -17.81
N GLN B 82 8.49 -18.15 -16.70
CA GLN B 82 8.99 -18.67 -15.41
C GLN B 82 8.05 -18.36 -14.29
N LEU B 83 8.10 -19.16 -13.22
CA LEU B 83 7.29 -18.93 -12.03
C LEU B 83 7.80 -17.64 -11.41
N ALA B 84 6.94 -16.64 -11.28
CA ALA B 84 7.35 -15.35 -10.73
C ALA B 84 6.27 -14.75 -9.86
N ILE B 85 6.68 -14.12 -8.78
CA ILE B 85 5.80 -13.42 -7.84
C ILE B 85 6.28 -12.00 -7.81
N VAL B 86 5.35 -11.07 -8.04
CA VAL B 86 5.59 -9.62 -8.10
C VAL B 86 4.97 -8.90 -6.88
N THR B 87 5.77 -8.05 -6.23
CA THR B 87 5.33 -7.24 -5.11
C THR B 87 5.68 -5.80 -5.41
N GLN B 88 5.20 -4.86 -4.57
CA GLN B 88 5.56 -3.44 -4.69
C GLN B 88 7.08 -3.33 -4.43
N TRP B 89 7.69 -2.25 -4.88
CA TRP B 89 9.09 -1.95 -4.62
C TRP B 89 9.08 -0.81 -3.59
N CYS B 90 9.83 -0.98 -2.49
CA CYS B 90 9.90 0.04 -1.45
C CYS B 90 11.29 0.58 -1.37
N GLU B 91 11.38 1.92 -1.31
CA GLU B 91 12.63 2.60 -1.01
C GLU B 91 12.68 2.60 0.52
N GLY B 92 13.88 2.43 1.05
CA GLY B 92 14.10 2.35 2.49
C GLY B 92 14.98 1.15 2.83
N SER B 93 14.96 0.72 4.08
CA SER B 93 15.77 -0.39 4.56
C SER B 93 15.01 -1.21 5.58
N SER B 94 15.48 -2.45 5.84
CA SER B 94 14.89 -3.31 6.85
C SER B 94 15.23 -2.74 8.22
N LEU B 95 14.46 -3.15 9.25
CA LEU B 95 14.68 -2.73 10.62
C LEU B 95 16.07 -3.22 11.09
N TYR B 96 16.48 -4.43 10.63
CA TYR B 96 17.79 -5.04 10.91
C TYR B 96 18.91 -4.13 10.40
N HIS B 97 18.81 -3.67 9.14
CA HIS B 97 19.79 -2.78 8.53
C HIS B 97 19.89 -1.47 9.33
N HIS B 98 18.74 -0.90 9.74
CA HIS B 98 18.67 0.32 10.53
C HIS B 98 19.33 0.19 11.91
N LEU B 99 18.96 -0.83 12.69
CA LEU B 99 19.50 -1.05 14.04
C LEU B 99 20.91 -1.59 14.11
N HIS B 100 21.25 -2.55 13.25
CA HIS B 100 22.53 -3.26 13.35
C HIS B 100 23.58 -2.99 12.28
N ILE B 101 23.21 -2.37 11.16
CA ILE B 101 24.20 -2.11 10.11
C ILE B 101 24.59 -0.63 10.11
N ILE B 102 23.62 0.28 9.93
CA ILE B 102 23.91 1.72 9.89
C ILE B 102 23.70 2.37 11.26
N GLU B 103 23.17 1.61 12.24
CA GLU B 103 22.93 2.00 13.64
C GLU B 103 22.15 3.32 13.78
N THR B 104 20.98 3.40 13.13
CA THR B 104 20.06 4.54 13.16
C THR B 104 19.57 4.75 14.59
N LYS B 105 19.64 5.99 15.07
CA LYS B 105 19.19 6.31 16.42
C LYS B 105 17.76 6.85 16.33
N PHE B 106 16.79 5.97 16.57
CA PHE B 106 15.39 6.34 16.55
C PHE B 106 15.03 6.88 17.92
N GLU B 107 14.09 7.83 17.96
CA GLU B 107 13.53 8.38 19.18
C GLU B 107 12.59 7.29 19.73
N MET B 108 12.37 7.27 21.06
CA MET B 108 11.51 6.30 21.75
C MET B 108 10.10 6.24 21.14
N ILE B 109 9.54 7.40 20.76
CA ILE B 109 8.23 7.52 20.12
C ILE B 109 8.17 6.70 18.80
N LYS B 110 9.23 6.78 17.98
CA LYS B 110 9.34 6.03 16.72
C LYS B 110 9.57 4.54 16.96
N LEU B 111 10.35 4.18 18.00
CA LEU B 111 10.61 2.76 18.34
C LEU B 111 9.30 2.06 18.74
N ILE B 112 8.44 2.76 19.53
CA ILE B 112 7.13 2.27 19.96
C ILE B 112 6.18 2.20 18.76
N ASP B 113 6.24 3.20 17.85
CA ASP B 113 5.43 3.22 16.63
C ASP B 113 5.76 2.05 15.71
N ILE B 114 7.07 1.72 15.53
CA ILE B 114 7.56 0.59 14.72
C ILE B 114 7.03 -0.71 15.33
N ALA B 115 7.03 -0.79 16.69
CA ALA B 115 6.54 -1.95 17.42
C ALA B 115 5.02 -2.14 17.19
N ARG B 116 4.26 -1.04 17.26
CA ARG B 116 2.81 -0.96 17.07
C ARG B 116 2.43 -1.42 15.66
N GLN B 117 3.12 -0.91 14.62
CA GLN B 117 2.88 -1.25 13.22
C GLN B 117 3.18 -2.71 12.91
N THR B 118 4.24 -3.27 13.53
CA THR B 118 4.60 -4.68 13.36
C THR B 118 3.50 -5.55 13.98
N ALA B 119 3.05 -5.19 15.21
CA ALA B 119 1.99 -5.88 15.95
C ALA B 119 0.67 -5.79 15.18
N GLN B 120 0.44 -4.64 14.49
CA GLN B 120 -0.74 -4.40 13.64
C GLN B 120 -0.78 -5.37 12.44
N GLY B 121 0.35 -5.52 11.75
CA GLY B 121 0.48 -6.43 10.62
C GLY B 121 0.39 -7.89 11.05
N MET B 122 1.03 -8.22 12.18
CA MET B 122 1.01 -9.57 12.75
C MET B 122 -0.40 -9.97 13.20
N ASP B 123 -1.13 -9.02 13.80
CA ASP B 123 -2.51 -9.23 14.22
C ASP B 123 -3.39 -9.52 12.99
N TYR B 124 -3.16 -8.80 11.88
CA TYR B 124 -3.86 -9.00 10.63
C TYR B 124 -3.60 -10.42 10.09
N LEU B 125 -2.33 -10.86 10.05
CA LEU B 125 -1.95 -12.20 9.59
C LEU B 125 -2.59 -13.31 10.43
N HIS B 126 -2.50 -13.21 11.76
CA HIS B 126 -3.07 -14.22 12.66
C HIS B 126 -4.59 -14.31 12.59
N ALA B 127 -5.27 -13.18 12.26
CA ALA B 127 -6.73 -13.13 12.10
C ALA B 127 -7.16 -13.93 10.85
N LYS B 128 -6.29 -13.99 9.84
CA LYS B 128 -6.48 -14.76 8.60
C LYS B 128 -5.85 -16.16 8.74
N SER B 129 -5.42 -16.54 9.98
CA SER B 129 -4.78 -17.82 10.32
C SER B 129 -3.46 -18.04 9.59
N ILE B 130 -2.73 -16.95 9.32
CA ILE B 130 -1.41 -16.99 8.68
C ILE B 130 -0.36 -16.87 9.77
N ILE B 131 0.49 -17.90 9.90
CA ILE B 131 1.62 -17.95 10.83
C ILE B 131 2.80 -17.56 9.95
N HIS B 132 3.57 -16.53 10.37
CA HIS B 132 4.72 -16.06 9.62
C HIS B 132 5.80 -17.13 9.56
N ARG B 133 6.21 -17.67 10.74
CA ARG B 133 7.24 -18.73 10.88
C ARG B 133 8.67 -18.20 10.82
N ASP B 134 8.87 -16.95 10.40
CA ASP B 134 10.21 -16.38 10.34
C ASP B 134 10.24 -14.87 10.61
N LEU B 135 9.44 -14.41 11.58
CA LEU B 135 9.43 -12.99 11.94
C LEU B 135 10.78 -12.63 12.60
N LYS B 136 11.37 -11.53 12.15
CA LYS B 136 12.68 -11.00 12.61
C LYS B 136 12.80 -9.60 12.04
N SER B 137 13.76 -8.78 12.55
CA SER B 137 13.94 -7.39 12.10
C SER B 137 14.27 -7.24 10.61
N ASN B 138 14.88 -8.30 10.01
CA ASN B 138 15.23 -8.39 8.59
C ASN B 138 13.95 -8.45 7.71
N ASN B 139 12.87 -8.99 8.27
CA ASN B 139 11.58 -9.16 7.59
C ASN B 139 10.62 -8.05 7.89
N ILE B 140 11.12 -6.98 8.56
CA ILE B 140 10.35 -5.78 8.87
C ILE B 140 10.97 -4.68 8.04
N PHE B 141 10.34 -4.36 6.91
CA PHE B 141 10.85 -3.34 6.03
C PHE B 141 10.35 -1.94 6.41
N LEU B 142 11.25 -0.95 6.48
CA LEU B 142 10.86 0.43 6.80
C LEU B 142 10.74 1.24 5.51
N HIS B 143 9.52 1.24 4.92
CA HIS B 143 9.17 1.92 3.68
C HIS B 143 9.27 3.42 3.92
N GLU B 144 10.19 4.08 3.17
CA GLU B 144 10.53 5.51 3.30
C GLU B 144 11.04 5.77 4.73
N ASP B 145 11.52 4.67 5.38
CA ASP B 145 12.06 4.57 6.75
C ASP B 145 11.02 4.99 7.82
N LEU B 146 9.71 4.82 7.48
CA LEU B 146 8.58 5.20 8.33
C LEU B 146 7.51 4.12 8.53
N THR B 147 6.94 3.61 7.41
CA THR B 147 5.86 2.61 7.38
C THR B 147 6.44 1.23 7.39
N VAL B 148 5.96 0.39 8.31
CA VAL B 148 6.38 -1.01 8.42
C VAL B 148 5.68 -1.84 7.34
N LYS B 149 6.46 -2.65 6.62
CA LYS B 149 5.96 -3.63 5.65
C LYS B 149 6.53 -4.96 6.09
N ILE B 150 5.66 -5.86 6.56
CA ILE B 150 6.10 -7.21 6.92
C ILE B 150 6.09 -8.05 5.65
N GLY B 151 7.15 -8.81 5.46
CA GLY B 151 7.28 -9.76 4.35
C GLY B 151 8.11 -10.94 4.78
N ASP B 152 8.44 -11.83 3.87
CA ASP B 152 9.38 -12.93 4.10
C ASP B 152 10.37 -12.74 2.97
N PHE B 153 11.39 -11.92 3.24
CA PHE B 153 12.41 -11.44 2.29
C PHE B 153 13.59 -12.36 1.99
N GLY B 154 13.62 -13.55 2.60
CA GLY B 154 14.70 -14.51 2.39
C GLY B 154 16.08 -13.93 2.62
N LEU B 155 16.95 -13.95 1.60
CA LEU B 155 18.31 -13.42 1.67
C LEU B 155 18.51 -12.24 0.73
N GLY B 173 17.38 -21.30 10.39
CA GLY B 173 18.61 -20.55 10.13
C GLY B 173 18.80 -19.37 11.07
N SER B 174 17.73 -18.52 11.20
CA SER B 174 17.63 -17.31 12.04
C SER B 174 17.09 -17.66 13.44
N ILE B 175 18.01 -18.24 14.19
CA ILE B 175 17.84 -18.84 15.49
C ILE B 175 17.61 -17.84 16.62
N LEU B 176 18.06 -16.58 16.50
CA LEU B 176 17.92 -15.58 17.58
C LEU B 176 16.46 -15.27 17.91
N TRP B 177 15.57 -15.44 16.92
CA TRP B 177 14.14 -15.16 17.02
C TRP B 177 13.30 -16.42 17.30
N MET B 178 13.95 -17.60 17.40
CA MET B 178 13.30 -18.89 17.57
C MET B 178 12.87 -19.19 19.01
N ALA B 179 11.56 -19.43 19.21
CA ALA B 179 11.01 -19.80 20.52
C ALA B 179 11.63 -21.11 20.98
N PRO B 180 11.84 -21.32 22.32
CA PRO B 180 12.44 -22.58 22.77
C PRO B 180 11.83 -23.87 22.17
N GLU B 181 10.47 -23.94 22.03
CA GLU B 181 9.78 -25.11 21.47
C GLU B 181 10.04 -25.29 19.96
N VAL B 182 10.37 -24.20 19.23
CA VAL B 182 10.70 -24.25 17.80
C VAL B 182 12.10 -24.89 17.69
N ILE B 183 13.00 -24.55 18.64
CA ILE B 183 14.35 -25.14 18.71
C ILE B 183 14.27 -26.67 19.00
N ARG B 184 13.53 -27.06 20.06
CA ARG B 184 13.37 -28.44 20.51
C ARG B 184 12.70 -29.41 19.50
N MET B 185 11.67 -28.95 18.75
CA MET B 185 10.92 -29.71 17.75
C MET B 185 10.27 -30.99 18.33
N ASN B 189 3.25 -29.80 15.44
CA ASN B 189 3.96 -28.70 14.78
C ASN B 189 4.47 -27.70 15.82
N PRO B 190 5.77 -27.27 15.80
CA PRO B 190 6.18 -26.30 16.83
C PRO B 190 5.77 -24.86 16.52
N TYR B 191 5.33 -24.61 15.27
CA TYR B 191 4.92 -23.28 14.82
C TYR B 191 3.50 -23.01 15.21
N SER B 192 3.30 -21.83 15.80
CA SER B 192 2.00 -21.39 16.29
C SER B 192 1.96 -19.87 16.27
N PHE B 193 0.81 -19.30 16.65
CA PHE B 193 0.70 -17.85 16.79
C PHE B 193 1.68 -17.39 17.90
N GLN B 194 1.83 -18.20 18.95
CA GLN B 194 2.70 -17.96 20.09
C GLN B 194 4.21 -17.99 19.78
N SER B 195 4.67 -18.78 18.81
CA SER B 195 6.09 -18.75 18.45
C SER B 195 6.37 -17.49 17.62
N ASP B 196 5.35 -16.97 16.89
CA ASP B 196 5.44 -15.69 16.19
C ASP B 196 5.53 -14.56 17.22
N VAL B 197 4.78 -14.68 18.32
CA VAL B 197 4.77 -13.74 19.44
C VAL B 197 6.17 -13.67 20.08
N TYR B 198 6.81 -14.86 20.30
CA TYR B 198 8.16 -14.93 20.86
C TYR B 198 9.14 -14.17 19.95
N ALA B 199 9.07 -14.38 18.63
CA ALA B 199 9.91 -13.69 17.63
C ALA B 199 9.72 -12.16 17.69
N PHE B 200 8.47 -11.73 17.92
CA PHE B 200 8.10 -10.33 18.08
C PHE B 200 8.72 -9.79 19.37
N GLY B 201 8.75 -10.63 20.42
CA GLY B 201 9.41 -10.32 21.70
C GLY B 201 10.88 -9.99 21.50
N ILE B 202 11.56 -10.74 20.62
CA ILE B 202 12.97 -10.50 20.26
C ILE B 202 13.11 -9.18 19.47
N VAL B 203 12.16 -8.89 18.57
CA VAL B 203 12.13 -7.64 17.82
C VAL B 203 12.00 -6.48 18.83
N LEU B 204 11.12 -6.62 19.85
CA LEU B 204 10.95 -5.63 20.89
C LEU B 204 12.28 -5.39 21.62
N TYR B 205 13.02 -6.48 21.90
CA TYR B 205 14.36 -6.45 22.53
C TYR B 205 15.31 -5.65 21.64
N GLU B 206 15.31 -5.89 20.32
CA GLU B 206 16.16 -5.18 19.36
C GLU B 206 15.86 -3.68 19.34
N LEU B 207 14.58 -3.32 19.37
CA LEU B 207 14.16 -1.91 19.37
C LEU B 207 14.56 -1.22 20.67
N MET B 208 14.37 -1.90 21.81
CA MET B 208 14.61 -1.32 23.13
C MET B 208 16.07 -1.38 23.61
N THR B 209 16.93 -2.22 23.01
CA THR B 209 18.36 -2.28 23.37
C THR B 209 19.24 -1.73 22.23
N GLY B 210 18.73 -1.80 20.99
CA GLY B 210 19.46 -1.44 19.78
C GLY B 210 20.42 -2.56 19.43
N GLN B 211 20.26 -3.73 20.07
CA GLN B 211 21.17 -4.87 19.89
C GLN B 211 20.46 -6.17 19.61
N LEU B 212 21.22 -7.15 19.08
CA LEU B 212 20.77 -8.52 18.86
C LEU B 212 20.98 -9.25 20.19
N PRO B 213 20.14 -10.23 20.58
CA PRO B 213 20.42 -10.94 21.84
C PRO B 213 21.67 -11.83 21.72
N TYR B 214 22.31 -12.14 22.86
CA TYR B 214 23.44 -13.08 22.98
C TYR B 214 24.67 -12.70 22.17
N SER B 215 24.95 -11.39 22.05
CA SER B 215 26.11 -10.87 21.32
C SER B 215 27.47 -11.26 21.95
N ASN B 216 27.47 -11.70 23.22
CA ASN B 216 28.69 -12.13 23.94
C ASN B 216 28.95 -13.64 23.85
N ILE B 217 28.13 -14.36 23.08
CA ILE B 217 28.28 -15.81 22.82
C ILE B 217 28.58 -15.95 21.33
N ASN B 218 29.71 -16.54 20.99
CA ASN B 218 30.08 -16.66 19.57
C ASN B 218 29.83 -18.07 19.00
N ASN B 219 29.20 -18.96 19.78
CA ASN B 219 28.93 -20.34 19.38
C ASN B 219 27.44 -20.58 19.17
N ARG B 220 27.04 -20.74 17.91
CA ARG B 220 25.67 -20.96 17.45
C ARG B 220 25.02 -22.20 18.07
N ASP B 221 25.75 -23.33 18.09
CA ASP B 221 25.24 -24.59 18.64
C ASP B 221 24.90 -24.46 20.13
N GLN B 222 25.72 -23.69 20.87
CA GLN B 222 25.51 -23.39 22.28
C GLN B 222 24.26 -22.56 22.49
N ILE B 223 24.05 -21.53 21.65
CA ILE B 223 22.86 -20.66 21.71
C ILE B 223 21.60 -21.50 21.50
N ILE B 224 21.58 -22.31 20.41
CA ILE B 224 20.48 -23.21 20.06
C ILE B 224 20.17 -24.13 21.24
N PHE B 225 21.18 -24.88 21.73
CA PHE B 225 21.00 -25.79 22.85
C PHE B 225 20.45 -25.11 24.13
N MET B 226 21.08 -24.01 24.54
CA MET B 226 20.73 -23.31 25.78
C MET B 226 19.37 -22.64 25.74
N VAL B 227 18.97 -22.02 24.61
CA VAL B 227 17.65 -21.39 24.49
C VAL B 227 16.58 -22.48 24.56
N GLY B 228 16.78 -23.57 23.79
CA GLY B 228 15.88 -24.73 23.77
C GLY B 228 15.68 -25.34 25.15
N ARG B 229 16.73 -25.36 25.97
CA ARG B 229 16.71 -25.90 27.34
C ARG B 229 16.25 -24.90 28.40
N GLY B 230 16.18 -23.63 28.03
CA GLY B 230 15.78 -22.58 28.93
C GLY B 230 16.90 -22.12 29.85
N TYR B 231 18.17 -22.48 29.51
CA TYR B 231 19.38 -22.12 30.28
C TYR B 231 19.80 -20.70 29.93
N LEU B 232 19.39 -20.24 28.74
CA LEU B 232 19.71 -18.93 28.22
C LEU B 232 18.45 -18.21 27.78
N SER B 233 18.34 -16.92 28.12
CA SER B 233 17.20 -16.08 27.70
C SER B 233 17.73 -14.65 27.49
N PRO B 234 17.02 -13.75 26.76
CA PRO B 234 17.55 -12.39 26.56
C PRO B 234 17.75 -11.64 27.88
N ASP B 235 18.84 -10.87 27.97
CA ASP B 235 19.17 -10.05 29.13
C ASP B 235 18.34 -8.76 29.08
N LEU B 236 17.20 -8.75 29.79
CA LEU B 236 16.28 -7.62 29.79
C LEU B 236 16.78 -6.40 30.56
N SER B 237 17.88 -6.53 31.34
CA SER B 237 18.47 -5.39 32.05
C SER B 237 19.15 -4.43 31.06
N LYS B 238 19.39 -4.90 29.82
CA LYS B 238 20.01 -4.13 28.73
C LYS B 238 19.07 -3.09 28.06
N VAL B 239 17.77 -3.08 28.42
CA VAL B 239 16.83 -2.11 27.80
C VAL B 239 17.15 -0.67 28.22
N ARG B 240 17.02 0.29 27.26
CA ARG B 240 17.27 1.73 27.43
C ARG B 240 16.56 2.29 28.68
N SER B 241 17.11 3.37 29.26
CA SER B 241 16.54 4.06 30.44
C SER B 241 15.15 4.63 30.15
N ASN B 242 14.96 5.18 28.93
CA ASN B 242 13.70 5.78 28.50
C ASN B 242 12.65 4.76 28.00
N CYS B 243 12.93 3.43 28.10
CA CYS B 243 11.98 2.40 27.70
C CYS B 243 10.87 2.33 28.77
N PRO B 244 9.58 2.58 28.41
CA PRO B 244 8.51 2.54 29.43
C PRO B 244 8.43 1.17 30.13
N LYS B 245 8.15 1.18 31.45
CA LYS B 245 8.06 -0.04 32.27
C LYS B 245 7.04 -1.05 31.69
N ALA B 246 5.92 -0.55 31.12
CA ALA B 246 4.88 -1.34 30.50
C ALA B 246 5.40 -2.09 29.26
N MET B 247 6.39 -1.49 28.54
CA MET B 247 7.00 -2.11 27.35
C MET B 247 7.93 -3.24 27.80
N LYS B 248 8.69 -3.02 28.89
CA LYS B 248 9.59 -4.02 29.46
C LYS B 248 8.78 -5.25 29.92
N ARG B 249 7.61 -5.03 30.56
CA ARG B 249 6.72 -6.11 31.00
C ARG B 249 6.13 -6.88 29.80
N LEU B 250 5.72 -6.15 28.74
CA LEU B 250 5.16 -6.75 27.53
C LEU B 250 6.18 -7.67 26.85
N MET B 251 7.42 -7.17 26.70
CA MET B 251 8.56 -7.88 26.15
C MET B 251 8.81 -9.19 26.92
N ALA B 252 8.79 -9.14 28.26
CA ALA B 252 8.97 -10.30 29.13
C ALA B 252 7.84 -11.34 28.94
N GLU B 253 6.58 -10.88 28.75
CA GLU B 253 5.40 -11.71 28.51
C GLU B 253 5.49 -12.39 27.14
N CYS B 254 5.95 -11.64 26.10
CA CYS B 254 6.15 -12.17 24.74
C CYS B 254 7.26 -13.22 24.72
N LEU B 255 8.26 -13.08 25.59
CA LEU B 255 9.42 -13.98 25.64
C LEU B 255 9.29 -15.16 26.60
N LYS B 256 8.10 -15.38 27.23
CA LYS B 256 7.92 -16.51 28.16
C LYS B 256 8.36 -17.83 27.52
N LYS B 257 9.08 -18.68 28.26
CA LYS B 257 9.58 -19.97 27.79
C LYS B 257 8.41 -20.93 27.45
N LYS B 258 7.33 -20.89 28.25
CA LYS B 258 6.13 -21.70 28.02
C LYS B 258 5.24 -20.92 27.05
N ARG B 259 4.97 -21.49 25.86
CA ARG B 259 4.20 -20.80 24.83
C ARG B 259 2.78 -20.36 25.25
N ASP B 260 2.09 -21.17 26.06
CA ASP B 260 0.72 -20.86 26.50
C ASP B 260 0.62 -19.62 27.41
N GLU B 261 1.77 -19.19 27.98
CA GLU B 261 1.85 -18.03 28.86
C GLU B 261 2.01 -16.72 28.10
N ARG B 262 2.31 -16.80 26.78
CA ARG B 262 2.52 -15.64 25.91
C ARG B 262 1.21 -14.97 25.51
N PRO B 263 1.14 -13.63 25.46
CA PRO B 263 -0.10 -13.01 24.99
C PRO B 263 -0.24 -13.16 23.48
N LEU B 264 -1.44 -12.96 22.94
CA LEU B 264 -1.64 -12.99 21.49
C LEU B 264 -1.66 -11.54 20.99
N PHE B 265 -1.56 -11.33 19.67
CA PHE B 265 -1.45 -10.00 19.06
C PHE B 265 -2.61 -9.04 19.38
N PRO B 266 -3.91 -9.43 19.57
CA PRO B 266 -4.92 -8.41 19.98
C PRO B 266 -4.57 -7.76 21.34
N GLN B 267 -4.03 -8.56 22.29
CA GLN B 267 -3.62 -8.10 23.61
C GLN B 267 -2.31 -7.29 23.54
N ILE B 268 -1.32 -7.76 22.74
CA ILE B 268 -0.04 -7.06 22.51
C ILE B 268 -0.33 -5.66 21.93
N LEU B 269 -1.11 -5.63 20.84
CA LEU B 269 -1.52 -4.42 20.16
C LEU B 269 -2.22 -3.45 21.13
N ALA B 270 -3.15 -3.95 21.97
CA ALA B 270 -3.86 -3.13 22.97
C ALA B 270 -2.90 -2.57 24.03
N SER B 271 -1.86 -3.35 24.44
CA SER B 271 -0.84 -2.90 25.41
C SER B 271 0.05 -1.81 24.81
N ILE B 272 0.50 -1.94 23.55
CA ILE B 272 1.36 -0.96 22.88
C ILE B 272 0.59 0.36 22.70
N GLU B 273 -0.70 0.28 22.31
CA GLU B 273 -1.57 1.44 22.10
C GLU B 273 -1.77 2.21 23.41
N LEU B 274 -1.93 1.49 24.53
CA LEU B 274 -2.07 2.06 25.87
C LEU B 274 -0.79 2.79 26.32
N LEU B 275 0.40 2.14 26.24
CA LEU B 275 1.66 2.78 26.65
C LEU B 275 2.08 3.95 25.72
N ALA B 276 1.64 3.93 24.44
CA ALA B 276 1.93 4.99 23.48
C ALA B 276 1.22 6.30 23.85
N ARG B 277 0.00 6.18 24.43
CA ARG B 277 -0.83 7.31 24.88
C ARG B 277 -0.24 8.07 26.08
N SER B 278 0.80 7.51 26.72
CA SER B 278 1.50 8.11 27.87
C SER B 278 2.87 8.65 27.41
N LEU B 279 3.05 9.99 27.49
CA LEU B 279 4.25 10.74 27.07
C LEU B 279 4.66 10.46 25.61
C1 92D C . -14.09 4.12 0.36
C2 92D C . -14.24 4.02 1.90
C3 92D C . -14.57 3.07 -0.44
C11 92D C . -15.28 3.39 -8.38
C12 92D C . -14.02 3.23 -9.00
C13 92D C . -12.81 3.21 -8.28
C14 92D C . -12.93 3.32 -6.87
C15 92D C . -13.35 5.28 -1.68
C16 92D C . -13.50 5.24 -0.28
C17 92D C . -13.06 6.46 0.42
C18 92D C . -11.85 6.45 1.12
C19 92D C . -11.46 7.63 1.77
C21 92D C . -10.12 8.75 3.52
C22 92D C . -8.64 9.22 3.50
C24 92D C . -7.87 7.20 2.43
C25 92D C . -9.30 6.63 2.34
C27 92D C . -13.42 8.71 0.98
C29 92D C . -11.39 3.18 -8.93
C30 92D C . -10.27 3.86 -8.10
N20 92D C . -10.31 7.69 2.50
N8 92D C . -14.24 3.57 -4.82
C31 92D C . -10.94 1.70 -9.14
C6 92D C . -13.47 4.27 -3.96
C5 92D C . -13.77 4.20 -2.48
N26 92D C . -12.26 8.73 1.67
C4 92D C . -14.39 3.10 -1.83
C32 92D C . -11.40 3.92 -10.30
C10 92D C . -15.35 3.53 -6.99
O7 92D C . -12.48 4.93 -4.29
C9 92D C . -14.17 3.48 -6.23
N28 92D C . -13.81 7.58 0.35
O23 92D C . -7.76 8.07 3.57
C1 92D D . 8.98 -10.96 -3.35
C2 92D D . 9.54 -10.39 -4.67
C3 92D D . 7.94 -11.91 -3.40
C11 92D D . 5.72 -16.39 2.85
C12 92D D . 4.93 -15.66 3.75
C13 92D D . 4.69 -14.27 3.60
C14 92D D . 5.30 -13.65 2.47
C15 92D D . 8.90 -11.10 -0.88
C16 92D D . 9.46 -10.58 -2.07
C17 92D D . 10.56 -9.63 -1.86
C18 92D D . 10.35 -8.26 -1.95
C19 92D D . 11.45 -7.40 -1.71
C21 92D D . 10.01 -5.39 -1.72
C22 92D D . 10.08 -4.08 -0.90
C24 92D D . 12.47 -3.90 -1.22
C25 92D D . 12.55 -5.22 -2.02
C27 92D D . 12.83 -9.29 -1.32
C29 92D D . 3.83 -13.42 4.59
C30 92D D . 4.43 -12.04 4.99
N20 92D D . 11.34 -6.04 -1.79
N8 92D D . 6.72 -13.75 0.43
C31 92D D . 3.64 -14.13 5.96
C6 92D D . 7.23 -12.48 0.38
C5 92D D . 7.84 -12.01 -0.93
N26 92D D . 12.65 -7.96 -1.41
C4 92D D . 7.38 -12.42 -2.21
C32 92D D . 2.43 -13.20 3.95
C10 92D D . 6.31 -15.75 1.75
O7 92D D . 7.16 -11.70 1.34
C9 92D D . 6.09 -14.38 1.55
N28 92D D . 11.79 -10.12 -1.54
O23 92D D . 11.17 -3.28 -1.42
#